data_1JBF
#
_entry.id   1JBF
#
_cell.length_a   ?
_cell.length_b   ?
_cell.length_c   ?
_cell.angle_alpha   ?
_cell.angle_beta   ?
_cell.angle_gamma   ?
#
_entity_poly.entity_id   1
_entity_poly.type   'polypeptide(L)'
_entity_poly.pdbx_seq_one_letter_code
;(ACE)NLPRCTEGPWGWVCM
;
_entity_poly.pdbx_strand_id   A
#
loop_
_chem_comp.id
_chem_comp.type
_chem_comp.name
_chem_comp.formula
ACE non-polymer 'ACETYL GROUP' 'C2 H4 O'
#
# COMPACT_ATOMS: atom_id res chain seq x y z
C ACE A 1 -7.71 -1.94 10.78
O ACE A 1 -7.06 -1.85 11.82
CH3 ACE A 1 -9.23 -2.00 10.83
H1 ACE A 1 -9.57 -2.94 10.38
H2 ACE A 1 -9.57 -1.97 11.86
H3 ACE A 1 -9.65 -1.16 10.28
N ASN A 2 -7.14 -1.98 9.57
CA ASN A 2 -5.70 -1.92 9.35
C ASN A 2 -5.18 -0.52 9.69
N LEU A 3 -3.96 -0.47 10.24
CA LEU A 3 -3.29 0.79 10.56
C LEU A 3 -2.89 1.51 9.26
N PRO A 4 -2.88 2.85 9.24
CA PRO A 4 -2.53 3.62 8.07
C PRO A 4 -1.05 3.40 7.70
N ARG A 5 -0.81 2.94 6.48
CA ARG A 5 0.51 2.56 5.99
C ARG A 5 0.37 2.10 4.55
N CYS A 6 1.43 2.29 3.75
CA CYS A 6 1.46 1.92 2.34
C CYS A 6 2.68 1.04 2.05
N THR A 7 2.55 0.20 1.02
CA THR A 7 3.56 -0.74 0.57
C THR A 7 3.59 -0.75 -0.95
N GLU A 8 4.78 -0.90 -1.55
CA GLU A 8 4.96 -1.02 -2.98
C GLU A 8 4.32 -2.33 -3.44
N GLY A 9 3.20 -2.25 -4.16
CA GLY A 9 2.45 -3.39 -4.67
C GLY A 9 2.69 -3.58 -6.17
N PRO A 10 2.08 -4.62 -6.78
CA PRO A 10 2.18 -4.89 -8.20
C PRO A 10 1.71 -3.71 -9.05
N TRP A 11 0.59 -3.10 -8.66
CA TRP A 11 -0.06 -2.01 -9.39
C TRP A 11 0.32 -0.68 -8.73
N GLY A 12 1.61 -0.47 -8.47
CA GLY A 12 2.11 0.70 -7.79
C GLY A 12 1.91 0.58 -6.28
N TRP A 13 2.10 1.68 -5.55
CA TRP A 13 1.93 1.72 -4.11
C TRP A 13 0.46 1.53 -3.73
N VAL A 14 0.18 0.46 -2.99
CA VAL A 14 -1.13 0.18 -2.42
C VAL A 14 -1.10 0.61 -0.95
N CYS A 15 -2.24 1.06 -0.43
CA CYS A 15 -2.35 1.64 0.91
C CYS A 15 -3.48 0.99 1.70
N MET A 16 -3.23 0.84 3.02
CA MET A 16 -4.18 0.30 3.98
C MET A 16 -5.23 1.35 4.31
C ACE A 1 -4.49 -2.72 7.41
O ACE A 1 -4.89 -1.55 7.38
CH3 ACE A 1 -4.35 -3.51 6.11
H1 ACE A 1 -4.66 -2.90 5.27
H2 ACE A 1 -3.32 -3.82 5.98
H3 ACE A 1 -4.98 -4.40 6.17
N ASN A 2 -4.15 -3.34 8.54
CA ASN A 2 -4.28 -2.76 9.87
C ASN A 2 -3.08 -1.88 10.24
N LEU A 3 -2.56 -1.12 9.27
CA LEU A 3 -1.40 -0.25 9.43
C LEU A 3 -1.69 1.06 8.70
N PRO A 4 -1.49 2.24 9.31
CA PRO A 4 -1.71 3.54 8.67
C PRO A 4 -0.50 3.89 7.79
N ARG A 5 -0.23 3.06 6.77
CA ARG A 5 0.93 3.16 5.91
C ARG A 5 0.56 2.71 4.50
N CYS A 6 1.58 2.56 3.63
CA CYS A 6 1.41 2.02 2.29
C CYS A 6 2.60 1.12 1.97
N THR A 7 2.42 0.22 0.98
CA THR A 7 3.39 -0.78 0.58
C THR A 7 3.49 -0.79 -0.95
N GLU A 8 4.69 -0.98 -1.48
CA GLU A 8 4.93 -1.08 -2.91
C GLU A 8 4.36 -2.40 -3.42
N GLY A 9 3.24 -2.35 -4.16
CA GLY A 9 2.55 -3.51 -4.69
C GLY A 9 2.74 -3.62 -6.21
N PRO A 10 2.13 -4.63 -6.84
CA PRO A 10 2.18 -4.85 -8.28
C PRO A 10 1.68 -3.64 -9.06
N TRP A 11 0.57 -3.04 -8.61
CA TRP A 11 -0.11 -1.95 -9.28
C TRP A 11 0.29 -0.62 -8.61
N GLY A 12 1.59 -0.43 -8.39
CA GLY A 12 2.11 0.75 -7.72
C GLY A 12 1.94 0.61 -6.20
N TRP A 13 2.05 1.74 -5.49
CA TRP A 13 1.88 1.77 -4.05
C TRP A 13 0.41 1.52 -3.67
N VAL A 14 0.16 0.40 -3.01
CA VAL A 14 -1.15 0.02 -2.49
C VAL A 14 -1.16 0.36 -0.99
N CYS A 15 -2.17 1.12 -0.56
CA CYS A 15 -2.22 1.70 0.77
C CYS A 15 -3.12 0.88 1.71
N MET A 16 -2.79 0.96 3.01
CA MET A 16 -3.43 0.22 4.09
C MET A 16 -4.11 1.21 5.03
C ACE A 1 -6.90 -4.05 9.97
O ACE A 1 -6.34 -3.97 11.07
CH3 ACE A 1 -8.42 -4.29 9.90
H1 ACE A 1 -8.88 -3.44 9.41
H2 ACE A 1 -8.62 -5.19 9.34
H3 ACE A 1 -8.82 -4.39 10.91
N ASN A 2 -6.26 -3.95 8.81
CA ASN A 2 -4.83 -3.72 8.70
C ASN A 2 -4.48 -2.30 9.14
N LEU A 3 -3.29 -2.13 9.73
CA LEU A 3 -2.83 -0.85 10.26
C LEU A 3 -2.67 0.18 9.15
N PRO A 4 -2.83 1.49 9.44
CA PRO A 4 -2.69 2.56 8.47
C PRO A 4 -1.24 2.65 7.97
N ARG A 5 -0.98 2.01 6.82
CA ARG A 5 0.34 1.85 6.22
C ARG A 5 0.19 1.84 4.70
N CYS A 6 1.32 1.92 3.98
CA CYS A 6 1.35 1.73 2.53
C CYS A 6 2.60 0.94 2.16
N THR A 7 2.55 0.25 1.01
CA THR A 7 3.62 -0.61 0.52
C THR A 7 3.62 -0.61 -1.01
N GLU A 8 4.80 -0.80 -1.59
CA GLU A 8 4.96 -0.97 -3.04
C GLU A 8 4.28 -2.28 -3.44
N GLY A 9 3.16 -2.19 -4.16
CA GLY A 9 2.40 -3.35 -4.63
C GLY A 9 2.64 -3.58 -6.13
N PRO A 10 2.07 -4.65 -6.70
CA PRO A 10 2.15 -4.96 -8.12
C PRO A 10 1.66 -3.79 -8.98
N TRP A 11 0.54 -3.18 -8.58
CA TRP A 11 -0.12 -2.10 -9.31
C TRP A 11 0.26 -0.75 -8.68
N GLY A 12 1.56 -0.54 -8.44
CA GLY A 12 2.08 0.66 -7.81
C GLY A 12 1.89 0.60 -6.30
N TRP A 13 2.15 1.72 -5.61
CA TRP A 13 2.01 1.83 -4.18
C TRP A 13 0.55 1.69 -3.76
N VAL A 14 0.23 0.59 -3.08
CA VAL A 14 -1.08 0.30 -2.52
C VAL A 14 -1.06 0.64 -1.03
N CYS A 15 -2.13 1.28 -0.55
CA CYS A 15 -2.30 1.64 0.85
C CYS A 15 -3.30 0.71 1.51
N MET A 16 -3.12 0.51 2.82
CA MET A 16 -3.80 -0.50 3.64
C MET A 16 -3.88 -0.04 5.10
C ACE A 1 -7.87 -1.50 7.08
O ACE A 1 -8.01 -1.64 8.29
CH3 ACE A 1 -7.81 -2.71 6.17
H1 ACE A 1 -6.96 -2.62 5.49
H2 ACE A 1 -7.72 -3.62 6.75
H3 ACE A 1 -8.72 -2.76 5.57
N ASN A 2 -7.78 -0.30 6.49
CA ASN A 2 -7.89 0.99 7.17
C ASN A 2 -6.82 1.13 8.25
N LEU A 3 -5.58 1.43 7.83
CA LEU A 3 -4.44 1.62 8.71
C LEU A 3 -3.45 2.54 7.98
N PRO A 4 -2.83 3.54 8.64
CA PRO A 4 -1.92 4.46 7.99
C PRO A 4 -0.55 3.81 7.75
N ARG A 5 -0.52 2.83 6.83
CA ARG A 5 0.67 2.15 6.36
C ARG A 5 0.43 1.78 4.90
N CYS A 6 1.49 1.82 4.08
CA CYS A 6 1.43 1.56 2.65
C CYS A 6 2.63 0.73 2.22
N THR A 7 2.53 0.12 1.03
CA THR A 7 3.56 -0.73 0.44
C THR A 7 3.53 -0.61 -1.08
N GLU A 8 4.69 -0.84 -1.71
CA GLU A 8 4.82 -0.85 -3.16
C GLU A 8 4.25 -2.16 -3.71
N GLY A 9 2.98 -2.15 -4.11
CA GLY A 9 2.29 -3.32 -4.62
C GLY A 9 2.64 -3.57 -6.09
N PRO A 10 2.14 -4.68 -6.67
CA PRO A 10 2.35 -5.03 -8.08
C PRO A 10 1.92 -3.90 -9.02
N TRP A 11 0.76 -3.29 -8.74
CA TRP A 11 0.16 -2.24 -9.54
C TRP A 11 0.47 -0.88 -8.92
N GLY A 12 1.73 -0.66 -8.56
CA GLY A 12 2.18 0.56 -7.90
C GLY A 12 1.84 0.55 -6.42
N TRP A 13 2.06 1.68 -5.75
CA TRP A 13 1.83 1.82 -4.32
C TRP A 13 0.35 1.68 -3.97
N VAL A 14 0.09 0.98 -2.86
CA VAL A 14 -1.23 0.72 -2.32
C VAL A 14 -1.16 0.86 -0.80
N CYS A 15 -2.21 1.45 -0.21
CA CYS A 15 -2.30 1.71 1.22
C CYS A 15 -3.37 0.83 1.86
N MET A 16 -3.13 0.42 3.10
CA MET A 16 -4.00 -0.47 3.85
C MET A 16 -5.28 0.26 4.26
C ACE A 1 -6.48 -0.17 8.95
O ACE A 1 -6.32 0.92 9.51
CH3 ACE A 1 -6.87 -0.23 7.48
H1 ACE A 1 -7.86 -0.65 7.38
H2 ACE A 1 -6.86 0.78 7.06
H3 ACE A 1 -6.15 -0.84 6.94
N ASN A 2 -6.35 -1.34 9.58
CA ASN A 2 -5.95 -1.47 10.98
C ASN A 2 -4.57 -0.88 11.24
N LEU A 3 -3.66 -1.04 10.27
CA LEU A 3 -2.33 -0.44 10.25
C LEU A 3 -2.27 0.41 8.97
N PRO A 4 -2.69 1.69 9.04
CA PRO A 4 -2.92 2.52 7.87
C PRO A 4 -1.61 3.10 7.32
N ARG A 5 -0.74 2.23 6.79
CA ARG A 5 0.49 2.56 6.09
C ARG A 5 0.28 2.28 4.59
N CYS A 6 1.39 2.22 3.85
CA CYS A 6 1.40 1.84 2.44
C CYS A 6 2.62 0.96 2.15
N THR A 7 2.57 0.23 1.03
CA THR A 7 3.63 -0.64 0.56
C THR A 7 3.62 -0.67 -0.96
N GLU A 8 4.80 -0.91 -1.56
CA GLU A 8 4.94 -1.04 -3.00
C GLU A 8 4.25 -2.32 -3.46
N GLY A 9 3.11 -2.19 -4.14
CA GLY A 9 2.33 -3.31 -4.65
C GLY A 9 2.63 -3.55 -6.14
N PRO A 10 2.06 -4.61 -6.73
CA PRO A 10 2.20 -4.92 -8.15
C PRO A 10 1.75 -3.75 -9.03
N TRP A 11 0.60 -3.14 -8.68
CA TRP A 11 -0.02 -2.06 -9.43
C TRP A 11 0.32 -0.72 -8.77
N GLY A 12 1.61 -0.51 -8.48
CA GLY A 12 2.08 0.69 -7.81
C GLY A 12 1.85 0.58 -6.30
N TRP A 13 2.09 1.69 -5.59
CA TRP A 13 1.94 1.76 -4.14
C TRP A 13 0.48 1.58 -3.74
N VAL A 14 0.21 0.49 -3.01
CA VAL A 14 -1.10 0.18 -2.43
C VAL A 14 -1.07 0.57 -0.96
N CYS A 15 -2.17 1.17 -0.48
CA CYS A 15 -2.30 1.66 0.89
C CYS A 15 -3.36 0.87 1.64
N MET A 16 -3.12 0.67 2.94
CA MET A 16 -4.00 -0.06 3.83
C MET A 16 -5.16 0.83 4.26
C ACE A 1 -7.94 -2.99 9.11
O ACE A 1 -7.55 -4.12 9.39
CH3 ACE A 1 -9.42 -2.72 8.87
H1 ACE A 1 -9.57 -2.34 7.85
H2 ACE A 1 -9.98 -3.66 8.97
H3 ACE A 1 -9.79 -1.99 9.58
N ASN A 2 -7.12 -1.93 9.02
CA ASN A 2 -5.68 -1.98 9.23
C ASN A 2 -5.17 -0.59 9.58
N LEU A 3 -3.97 -0.52 10.16
CA LEU A 3 -3.29 0.72 10.49
C LEU A 3 -3.03 1.53 9.21
N PRO A 4 -2.93 2.87 9.30
CA PRO A 4 -2.58 3.71 8.17
C PRO A 4 -1.17 3.36 7.70
N ARG A 5 -1.09 2.70 6.53
CA ARG A 5 0.09 2.00 6.07
C ARG A 5 0.09 2.01 4.55
N CYS A 6 1.29 2.02 3.93
CA CYS A 6 1.45 1.92 2.49
C CYS A 6 2.66 1.04 2.17
N THR A 7 2.58 0.32 1.03
CA THR A 7 3.62 -0.58 0.57
C THR A 7 3.62 -0.62 -0.97
N GLU A 8 4.79 -0.88 -1.57
CA GLU A 8 4.93 -1.02 -3.00
C GLU A 8 4.26 -2.33 -3.43
N GLY A 9 3.13 -2.22 -4.13
CA GLY A 9 2.36 -3.36 -4.63
C GLY A 9 2.62 -3.60 -6.12
N PRO A 10 2.00 -4.63 -6.70
CA PRO A 10 2.10 -4.94 -8.13
C PRO A 10 1.67 -3.77 -9.00
N TRP A 11 0.54 -3.13 -8.64
CA TRP A 11 -0.06 -2.04 -9.39
C TRP A 11 0.33 -0.70 -8.77
N GLY A 12 1.63 -0.51 -8.51
CA GLY A 12 2.15 0.67 -7.85
C GLY A 12 1.94 0.59 -6.35
N TRP A 13 2.15 1.71 -5.66
CA TRP A 13 1.98 1.79 -4.21
C TRP A 13 0.52 1.64 -3.82
N VAL A 14 0.21 0.56 -3.09
CA VAL A 14 -1.09 0.30 -2.50
C VAL A 14 -1.03 0.70 -1.03
N CYS A 15 -2.19 1.01 -0.43
CA CYS A 15 -2.29 1.45 0.95
C CYS A 15 -3.44 0.76 1.68
N MET A 16 -3.22 0.50 2.96
CA MET A 16 -4.14 -0.17 3.87
C MET A 16 -4.39 0.70 5.11
C ACE A 1 -4.50 -3.86 7.69
O ACE A 1 -3.99 -3.95 8.80
CH3 ACE A 1 -4.03 -4.77 6.56
H1 ACE A 1 -3.14 -5.33 6.88
H2 ACE A 1 -4.82 -5.47 6.31
H3 ACE A 1 -3.78 -4.17 5.69
N ASN A 2 -5.49 -3.01 7.39
CA ASN A 2 -6.12 -2.06 8.30
C ASN A 2 -5.11 -1.32 9.20
N LEU A 3 -4.12 -0.67 8.57
CA LEU A 3 -3.06 0.06 9.27
C LEU A 3 -2.59 1.24 8.42
N PRO A 4 -2.07 2.32 9.03
CA PRO A 4 -1.74 3.55 8.34
C PRO A 4 -0.34 3.50 7.70
N ARG A 5 -0.16 2.61 6.73
CA ARG A 5 1.03 2.55 5.89
C ARG A 5 0.62 2.14 4.47
N CYS A 6 1.57 2.19 3.53
CA CYS A 6 1.38 1.77 2.14
C CYS A 6 2.56 0.92 1.69
N THR A 7 2.33 0.11 0.66
CA THR A 7 3.27 -0.89 0.16
C THR A 7 3.35 -0.80 -1.36
N GLU A 8 4.57 -0.82 -1.91
CA GLU A 8 4.80 -0.78 -3.35
C GLU A 8 4.55 -2.17 -3.94
N GLY A 9 3.27 -2.52 -4.11
CA GLY A 9 2.83 -3.79 -4.64
C GLY A 9 2.83 -3.79 -6.17
N PRO A 10 2.24 -4.84 -6.79
CA PRO A 10 2.13 -4.99 -8.23
C PRO A 10 1.56 -3.75 -8.92
N TRP A 11 0.57 -3.11 -8.29
CA TRP A 11 -0.14 -1.95 -8.81
C TRP A 11 0.42 -0.65 -8.21
N GLY A 12 1.72 -0.63 -7.88
CA GLY A 12 2.37 0.54 -7.30
C GLY A 12 2.07 0.64 -5.81
N TRP A 13 2.20 1.85 -5.27
CA TRP A 13 1.92 2.16 -3.87
C TRP A 13 0.42 1.99 -3.58
N VAL A 14 0.06 0.79 -3.09
CA VAL A 14 -1.28 0.47 -2.62
C VAL A 14 -1.29 0.57 -1.10
N CYS A 15 -2.29 1.26 -0.56
CA CYS A 15 -2.33 1.64 0.85
C CYS A 15 -3.20 0.70 1.65
N MET A 16 -2.79 0.44 2.90
CA MET A 16 -3.35 -0.58 3.77
C MET A 16 -4.34 0.05 4.76
C ACE A 1 -5.54 -2.78 7.39
O ACE A 1 -5.02 -3.35 8.34
CH3 ACE A 1 -5.44 -3.38 5.98
H1 ACE A 1 -4.69 -4.18 5.98
H2 ACE A 1 -6.41 -3.80 5.71
H3 ACE A 1 -5.16 -2.61 5.27
N ASN A 2 -6.20 -1.62 7.49
CA ASN A 2 -6.42 -0.87 8.72
C ASN A 2 -5.09 -0.62 9.46
N LEU A 3 -4.20 0.14 8.81
CA LEU A 3 -2.89 0.47 9.34
C LEU A 3 -2.41 1.75 8.64
N PRO A 4 -1.85 2.74 9.35
CA PRO A 4 -1.38 3.99 8.76
C PRO A 4 -0.02 3.79 8.09
N ARG A 5 0.01 2.98 7.03
CA ARG A 5 1.18 2.65 6.24
C ARG A 5 0.75 2.27 4.83
N CYS A 6 1.72 2.21 3.92
CA CYS A 6 1.54 1.77 2.54
C CYS A 6 2.67 0.82 2.16
N THR A 7 2.47 0.06 1.08
CA THR A 7 3.40 -0.93 0.56
C THR A 7 3.43 -0.81 -0.96
N GLU A 8 4.62 -0.98 -1.56
CA GLU A 8 4.79 -0.93 -3.00
C GLU A 8 4.25 -2.22 -3.62
N GLY A 9 3.00 -2.17 -4.09
CA GLY A 9 2.33 -3.30 -4.70
C GLY A 9 2.76 -3.49 -6.16
N PRO A 10 2.24 -4.53 -6.83
CA PRO A 10 2.57 -4.87 -8.20
C PRO A 10 2.08 -3.80 -9.17
N TRP A 11 0.85 -3.29 -8.95
CA TRP A 11 0.26 -2.23 -9.74
C TRP A 11 0.42 -0.90 -9.00
N GLY A 12 1.66 -0.58 -8.63
CA GLY A 12 2.01 0.63 -7.90
C GLY A 12 1.71 0.49 -6.41
N TRP A 13 1.93 1.58 -5.67
CA TRP A 13 1.71 1.62 -4.23
C TRP A 13 0.23 1.45 -3.88
N VAL A 14 -0.01 0.68 -2.80
CA VAL A 14 -1.31 0.46 -2.21
C VAL A 14 -1.21 0.76 -0.71
N CYS A 15 -2.20 1.47 -0.17
CA CYS A 15 -2.21 1.95 1.20
C CYS A 15 -3.25 1.20 2.03
N MET A 16 -2.94 1.05 3.33
CA MET A 16 -3.75 0.32 4.31
C MET A 16 -4.53 1.32 5.18
C ACE A 1 -7.20 -2.78 10.92
O ACE A 1 -6.43 -3.30 11.73
CH3 ACE A 1 -8.63 -2.44 11.32
H1 ACE A 1 -8.80 -1.37 11.22
H2 ACE A 1 -9.32 -2.99 10.69
H3 ACE A 1 -8.80 -2.74 12.36
N ASN A 2 -6.85 -2.47 9.66
CA ASN A 2 -5.52 -2.71 9.12
C ASN A 2 -4.51 -1.71 9.69
N LEU A 3 -3.21 -2.03 9.53
CA LEU A 3 -2.13 -1.12 9.85
C LEU A 3 -2.22 0.08 8.90
N PRO A 4 -2.28 1.33 9.40
CA PRO A 4 -2.38 2.52 8.57
C PRO A 4 -1.03 2.78 7.88
N ARG A 5 -0.84 2.17 6.71
CA ARG A 5 0.40 2.18 5.96
C ARG A 5 0.12 1.90 4.49
N CYS A 6 1.14 2.12 3.64
CA CYS A 6 1.12 1.78 2.22
C CYS A 6 2.43 1.10 1.86
N THR A 7 2.41 0.27 0.81
CA THR A 7 3.55 -0.55 0.41
C THR A 7 3.60 -0.66 -1.11
N GLU A 8 4.81 -0.75 -1.66
CA GLU A 8 5.04 -0.92 -3.08
C GLU A 8 4.65 -2.35 -3.47
N GLY A 9 3.65 -2.48 -4.34
CA GLY A 9 3.09 -3.76 -4.77
C GLY A 9 2.77 -3.75 -6.27
N PRO A 10 2.03 -4.76 -6.75
CA PRO A 10 1.68 -4.94 -8.15
C PRO A 10 1.08 -3.69 -8.80
N TRP A 11 0.22 -2.98 -8.07
CA TRP A 11 -0.52 -1.82 -8.56
C TRP A 11 0.16 -0.52 -8.12
N GLY A 12 1.49 -0.52 -8.04
CA GLY A 12 2.25 0.62 -7.54
C GLY A 12 2.20 0.64 -6.01
N TRP A 13 2.41 1.82 -5.43
CA TRP A 13 2.21 2.05 -4.01
C TRP A 13 0.73 1.90 -3.66
N VAL A 14 0.37 0.71 -3.18
CA VAL A 14 -0.98 0.34 -2.80
C VAL A 14 -1.11 0.47 -1.28
N CYS A 15 -2.23 1.06 -0.82
CA CYS A 15 -2.45 1.39 0.57
C CYS A 15 -3.34 0.33 1.23
N MET A 16 -3.08 0.09 2.52
CA MET A 16 -3.72 -0.95 3.32
C MET A 16 -5.13 -0.51 3.72
C ACE A 1 -8.66 -2.06 8.25
O ACE A 1 -8.40 -2.86 9.14
CH3 ACE A 1 -9.98 -2.17 7.48
H1 ACE A 1 -10.56 -1.25 7.61
H2 ACE A 1 -9.78 -2.33 6.42
H3 ACE A 1 -10.56 -3.01 7.86
N ASN A 2 -7.84 -1.07 7.88
CA ASN A 2 -6.55 -0.80 8.50
C ASN A 2 -6.16 0.65 8.25
N LEU A 3 -5.27 1.19 9.09
CA LEU A 3 -4.75 2.54 8.96
C LEU A 3 -3.93 2.66 7.67
N PRO A 4 -3.71 3.88 7.14
CA PRO A 4 -2.89 4.13 5.96
C PRO A 4 -1.47 3.56 6.10
N ARG A 5 -1.24 2.37 5.53
CA ARG A 5 0.05 1.68 5.50
C ARG A 5 0.29 1.30 4.05
N CYS A 6 1.21 2.00 3.38
CA CYS A 6 1.42 1.90 1.94
C CYS A 6 2.61 1.01 1.62
N THR A 7 2.43 0.18 0.59
CA THR A 7 3.38 -0.84 0.14
C THR A 7 3.44 -0.81 -1.38
N GLU A 8 4.66 -0.80 -1.93
CA GLU A 8 4.88 -0.79 -3.38
C GLU A 8 4.63 -2.18 -3.95
N GLY A 9 3.35 -2.52 -4.14
CA GLY A 9 2.90 -3.80 -4.64
C GLY A 9 2.82 -3.81 -6.17
N PRO A 10 2.17 -4.84 -6.75
CA PRO A 10 1.96 -4.99 -8.18
C PRO A 10 1.38 -3.73 -8.84
N TRP A 11 0.47 -3.05 -8.16
CA TRP A 11 -0.23 -1.87 -8.66
C TRP A 11 0.39 -0.59 -8.11
N GLY A 12 1.71 -0.62 -7.80
CA GLY A 12 2.41 0.52 -7.24
C GLY A 12 2.14 0.64 -5.75
N TRP A 13 2.29 1.85 -5.21
CA TRP A 13 2.02 2.17 -3.82
C TRP A 13 0.52 2.02 -3.52
N VAL A 14 0.12 0.82 -3.11
CA VAL A 14 -1.23 0.49 -2.69
C VAL A 14 -1.25 0.51 -1.16
N CYS A 15 -2.28 1.14 -0.58
CA CYS A 15 -2.35 1.43 0.85
C CYS A 15 -3.50 0.70 1.52
N MET A 16 -3.22 0.15 2.71
CA MET A 16 -4.16 -0.63 3.50
C MET A 16 -5.11 0.29 4.27
C ACE A 1 -5.93 3.66 5.20
O ACE A 1 -5.97 4.80 5.66
CH3 ACE A 1 -5.13 3.38 3.93
H1 ACE A 1 -4.23 2.83 4.20
H2 ACE A 1 -5.74 2.79 3.24
H3 ACE A 1 -4.87 4.32 3.45
N ASN A 2 -6.54 2.62 5.77
CA ASN A 2 -7.26 2.69 7.03
C ASN A 2 -6.28 2.99 8.16
N LEU A 3 -5.21 2.19 8.21
CA LEU A 3 -4.07 2.40 9.08
C LEU A 3 -3.01 3.19 8.29
N PRO A 4 -2.16 3.99 8.97
CA PRO A 4 -1.13 4.79 8.33
C PRO A 4 0.03 3.91 7.88
N ARG A 5 -0.15 3.21 6.76
CA ARG A 5 0.84 2.30 6.18
C ARG A 5 0.55 2.14 4.69
N CYS A 6 1.61 2.10 3.87
CA CYS A 6 1.52 1.80 2.45
C CYS A 6 2.68 0.90 2.04
N THR A 7 2.48 0.12 0.97
CA THR A 7 3.44 -0.85 0.46
C THR A 7 3.44 -0.78 -1.06
N GLU A 8 4.62 -0.94 -1.67
CA GLU A 8 4.79 -0.92 -3.11
C GLU A 8 4.27 -2.22 -3.71
N GLY A 9 3.00 -2.25 -4.11
CA GLY A 9 2.35 -3.42 -4.68
C GLY A 9 2.71 -3.59 -6.16
N PRO A 10 2.24 -4.69 -6.80
CA PRO A 10 2.47 -4.96 -8.21
C PRO A 10 1.99 -3.81 -9.10
N TRP A 11 0.82 -3.26 -8.79
CA TRP A 11 0.18 -2.18 -9.55
C TRP A 11 0.44 -0.84 -8.86
N GLY A 12 1.71 -0.60 -8.49
CA GLY A 12 2.13 0.62 -7.80
C GLY A 12 1.81 0.54 -6.31
N TRP A 13 1.99 1.67 -5.61
CA TRP A 13 1.78 1.76 -4.18
C TRP A 13 0.30 1.62 -3.84
N VAL A 14 0.02 0.80 -2.81
CA VAL A 14 -1.30 0.57 -2.25
C VAL A 14 -1.21 0.78 -0.74
N CYS A 15 -2.20 1.48 -0.18
CA CYS A 15 -2.28 1.79 1.24
C CYS A 15 -3.37 0.93 1.88
N MET A 16 -3.10 0.43 3.08
CA MET A 16 -3.91 -0.59 3.74
C MET A 16 -4.48 -0.06 5.06
C ACE A 1 -8.06 -0.68 5.77
O ACE A 1 -8.83 -1.55 6.15
CH3 ACE A 1 -8.31 0.06 4.47
H1 ACE A 1 -8.36 1.14 4.66
H2 ACE A 1 -7.51 -0.15 3.77
H3 ACE A 1 -9.26 -0.27 4.03
N ASN A 2 -6.97 -0.32 6.46
CA ASN A 2 -6.57 -0.89 7.74
C ASN A 2 -5.67 0.13 8.46
N LEU A 3 -4.51 -0.31 8.99
CA LEU A 3 -3.57 0.58 9.67
C LEU A 3 -2.93 1.53 8.65
N PRO A 4 -2.57 2.76 9.04
CA PRO A 4 -2.06 3.79 8.14
C PRO A 4 -0.64 3.44 7.67
N ARG A 5 -0.56 2.86 6.46
CA ARG A 5 0.70 2.43 5.84
C ARG A 5 0.43 2.16 4.36
N CYS A 6 1.48 2.27 3.53
CA CYS A 6 1.42 1.92 2.12
C CYS A 6 2.56 0.95 1.79
N THR A 7 2.30 0.04 0.84
CA THR A 7 3.21 -1.02 0.44
C THR A 7 3.34 -1.00 -1.09
N GLU A 8 4.57 -0.88 -1.60
CA GLU A 8 4.86 -0.92 -3.02
C GLU A 8 4.64 -2.35 -3.51
N GLY A 9 3.70 -2.53 -4.46
CA GLY A 9 3.35 -3.81 -5.03
C GLY A 9 3.12 -3.70 -6.55
N PRO A 10 2.57 -4.76 -7.17
CA PRO A 10 2.29 -4.84 -8.60
C PRO A 10 1.50 -3.64 -9.12
N TRP A 11 0.54 -3.16 -8.34
CA TRP A 11 -0.36 -2.08 -8.70
C TRP A 11 0.09 -0.75 -8.10
N GLY A 12 1.42 -0.54 -8.02
CA GLY A 12 1.98 0.68 -7.46
C GLY A 12 1.96 0.61 -5.94
N TRP A 13 2.02 1.78 -5.29
CA TRP A 13 1.82 1.90 -3.86
C TRP A 13 0.36 1.62 -3.50
N VAL A 14 0.13 0.52 -2.79
CA VAL A 14 -1.19 0.10 -2.33
C VAL A 14 -1.28 0.54 -0.88
N CYS A 15 -2.16 1.51 -0.60
CA CYS A 15 -2.31 2.13 0.70
C CYS A 15 -3.47 1.54 1.47
N MET A 16 -3.29 1.46 2.80
CA MET A 16 -4.24 0.94 3.76
C MET A 16 -4.44 1.99 4.87
C ACE A 1 -6.04 3.66 5.08
O ACE A 1 -5.99 4.80 5.53
CH3 ACE A 1 -5.38 3.33 3.75
H1 ACE A 1 -4.43 2.84 3.94
H2 ACE A 1 -6.02 2.66 3.16
H3 ACE A 1 -5.22 4.25 3.18
N ASN A 2 -6.65 2.64 5.71
CA ASN A 2 -7.25 2.77 7.04
C ASN A 2 -6.15 3.10 8.05
N LEU A 3 -5.15 2.23 8.11
CA LEU A 3 -3.91 2.45 8.84
C LEU A 3 -2.98 3.25 7.91
N PRO A 4 -2.42 4.39 8.34
CA PRO A 4 -1.42 5.14 7.57
C PRO A 4 -0.18 4.30 7.25
N ARG A 5 -0.26 3.53 6.15
CA ARG A 5 0.78 2.60 5.71
C ARG A 5 0.47 2.21 4.27
N CYS A 6 1.51 2.17 3.43
CA CYS A 6 1.39 1.77 2.03
C CYS A 6 2.59 0.91 1.64
N THR A 7 2.38 0.06 0.63
CA THR A 7 3.36 -0.91 0.15
C THR A 7 3.40 -0.85 -1.38
N GLU A 8 4.61 -0.80 -1.95
CA GLU A 8 4.83 -0.78 -3.40
C GLU A 8 4.60 -2.17 -3.97
N GLY A 9 3.32 -2.53 -4.17
CA GLY A 9 2.90 -3.81 -4.70
C GLY A 9 2.88 -3.80 -6.22
N PRO A 10 2.28 -4.85 -6.83
CA PRO A 10 2.15 -4.98 -8.28
C PRO A 10 1.54 -3.74 -8.94
N TRP A 11 0.57 -3.11 -8.27
CA TRP A 11 -0.15 -1.95 -8.77
C TRP A 11 0.41 -0.65 -8.15
N GLY A 12 1.70 -0.63 -7.83
CA GLY A 12 2.37 0.52 -7.24
C GLY A 12 2.06 0.61 -5.75
N TRP A 13 2.20 1.82 -5.21
CA TRP A 13 1.93 2.13 -3.81
C TRP A 13 0.44 1.97 -3.50
N VAL A 14 0.06 0.78 -3.01
CA VAL A 14 -1.29 0.47 -2.55
C VAL A 14 -1.31 0.61 -1.03
N CYS A 15 -2.34 1.29 -0.51
CA CYS A 15 -2.42 1.70 0.89
C CYS A 15 -3.48 0.88 1.64
N MET A 16 -3.19 0.58 2.90
CA MET A 16 -4.07 -0.22 3.75
C MET A 16 -3.75 0.08 5.23
C ACE A 1 -6.92 1.83 2.10
O ACE A 1 -6.60 2.83 1.47
CH3 ACE A 1 -7.20 0.52 1.38
H1 ACE A 1 -6.67 -0.30 1.86
H2 ACE A 1 -8.28 0.32 1.40
H3 ACE A 1 -6.87 0.59 0.33
N ASN A 2 -7.04 1.81 3.43
CA ASN A 2 -6.82 2.98 4.28
C ASN A 2 -5.33 3.32 4.35
N LEU A 3 -5.00 4.47 4.95
CA LEU A 3 -3.62 4.98 4.99
C LEU A 3 -2.98 5.04 6.39
N PRO A 4 -3.15 4.04 7.28
CA PRO A 4 -2.18 3.79 8.35
C PRO A 4 -0.75 3.73 7.79
N ARG A 5 -0.59 3.00 6.69
CA ARG A 5 0.63 2.98 5.89
C ARG A 5 0.30 2.58 4.45
N CYS A 6 1.32 2.54 3.59
CA CYS A 6 1.22 2.00 2.24
C CYS A 6 2.47 1.17 1.94
N THR A 7 2.40 0.34 0.90
CA THR A 7 3.46 -0.58 0.51
C THR A 7 3.51 -0.72 -0.99
N GLU A 8 4.72 -0.89 -1.54
CA GLU A 8 4.95 -1.11 -2.96
C GLU A 8 4.42 -2.48 -3.34
N GLY A 9 3.53 -2.54 -4.34
CA GLY A 9 2.91 -3.76 -4.84
C GLY A 9 2.80 -3.73 -6.37
N PRO A 10 2.15 -4.75 -6.95
CA PRO A 10 1.98 -4.90 -8.39
C PRO A 10 1.37 -3.65 -9.05
N TRP A 11 0.37 -3.04 -8.39
CA TRP A 11 -0.36 -1.89 -8.90
C TRP A 11 0.18 -0.60 -8.28
N GLY A 12 1.51 -0.49 -8.16
CA GLY A 12 2.17 0.67 -7.59
C GLY A 12 2.10 0.61 -6.06
N TRP A 13 2.27 1.78 -5.42
CA TRP A 13 2.10 1.91 -3.99
C TRP A 13 0.62 1.78 -3.63
N VAL A 14 0.26 0.61 -3.08
CA VAL A 14 -1.09 0.28 -2.64
C VAL A 14 -1.14 0.47 -1.12
N CYS A 15 -2.23 1.08 -0.63
CA CYS A 15 -2.35 1.51 0.75
C CYS A 15 -3.17 0.50 1.56
N MET A 16 -2.78 0.33 2.83
CA MET A 16 -3.32 -0.68 3.73
C MET A 16 -3.52 -0.07 5.12
C ACE A 1 -5.37 -2.54 8.40
O ACE A 1 -5.92 -1.51 8.82
CH3 ACE A 1 -5.35 -2.86 6.92
H1 ACE A 1 -4.37 -2.61 6.51
H2 ACE A 1 -5.56 -3.91 6.75
H3 ACE A 1 -6.11 -2.26 6.40
N ASN A 2 -4.79 -3.44 9.21
CA ASN A 2 -4.78 -3.33 10.67
C ASN A 2 -4.01 -2.10 11.12
N LEU A 3 -2.77 -1.97 10.65
CA LEU A 3 -1.87 -0.88 10.94
C LEU A 3 -1.81 0.00 9.68
N PRO A 4 -2.36 1.23 9.70
CA PRO A 4 -2.31 2.15 8.57
C PRO A 4 -0.91 2.27 7.95
N ARG A 5 -0.78 1.81 6.70
CA ARG A 5 0.50 1.69 6.00
C ARG A 5 0.27 1.72 4.49
N CYS A 6 1.35 1.83 3.72
CA CYS A 6 1.31 1.64 2.27
C CYS A 6 2.55 0.87 1.83
N THR A 7 2.45 0.19 0.68
CA THR A 7 3.51 -0.68 0.17
C THR A 7 3.47 -0.68 -1.36
N GLU A 8 4.66 -0.75 -1.98
CA GLU A 8 4.83 -0.76 -3.42
C GLU A 8 4.53 -2.17 -3.95
N GLY A 9 3.24 -2.48 -4.09
CA GLY A 9 2.77 -3.76 -4.58
C GLY A 9 2.77 -3.80 -6.11
N PRO A 10 2.16 -4.85 -6.70
CA PRO A 10 2.04 -5.03 -8.15
C PRO A 10 1.49 -3.80 -8.87
N TRP A 11 0.51 -3.13 -8.25
CA TRP A 11 -0.17 -1.97 -8.81
C TRP A 11 0.40 -0.67 -8.22
N GLY A 12 1.71 -0.65 -7.92
CA GLY A 12 2.37 0.52 -7.37
C GLY A 12 2.10 0.65 -5.88
N TRP A 13 2.25 1.86 -5.36
CA TRP A 13 1.99 2.18 -3.96
C TRP A 13 0.50 2.05 -3.63
N VAL A 14 0.12 0.87 -3.13
CA VAL A 14 -1.21 0.55 -2.65
C VAL A 14 -1.22 0.68 -1.13
N CYS A 15 -2.28 1.27 -0.58
CA CYS A 15 -2.39 1.57 0.84
C CYS A 15 -3.36 0.60 1.51
N MET A 16 -3.05 0.27 2.76
CA MET A 16 -3.72 -0.75 3.57
C MET A 16 -4.07 -0.12 4.93
C ACE A 1 -7.43 -3.06 9.09
O ACE A 1 -7.26 -3.99 9.87
CH3 ACE A 1 -8.66 -3.02 8.20
H1 ACE A 1 -9.28 -3.90 8.39
H2 ACE A 1 -9.25 -2.13 8.41
H3 ACE A 1 -8.36 -3.01 7.15
N ASN A 2 -6.57 -2.04 8.97
CA ASN A 2 -5.34 -1.89 9.73
C ASN A 2 -4.88 -0.43 9.68
N LEU A 3 -3.80 -0.11 10.42
CA LEU A 3 -3.22 1.23 10.45
C LEU A 3 -2.80 1.67 9.04
N PRO A 4 -2.82 2.97 8.72
CA PRO A 4 -2.62 3.47 7.36
C PRO A 4 -1.15 3.34 6.93
N ARG A 5 -0.77 2.14 6.47
CA ARG A 5 0.50 1.86 5.82
C ARG A 5 0.32 1.93 4.30
N CYS A 6 1.43 1.95 3.56
CA CYS A 6 1.42 1.80 2.11
C CYS A 6 2.60 0.92 1.70
N THR A 7 2.39 0.07 0.70
CA THR A 7 3.40 -0.86 0.19
C THR A 7 3.40 -0.83 -1.33
N GLU A 8 4.60 -0.84 -1.93
CA GLU A 8 4.80 -0.80 -3.36
C GLU A 8 4.58 -2.19 -3.95
N GLY A 9 3.31 -2.56 -4.13
CA GLY A 9 2.90 -3.83 -4.70
C GLY A 9 2.90 -3.79 -6.22
N PRO A 10 2.34 -4.84 -6.87
CA PRO A 10 2.23 -4.95 -8.32
C PRO A 10 1.59 -3.72 -8.96
N TRP A 11 0.58 -3.14 -8.29
CA TRP A 11 -0.17 -1.99 -8.78
C TRP A 11 0.33 -0.69 -8.14
N GLY A 12 1.64 -0.60 -7.90
CA GLY A 12 2.26 0.59 -7.34
C GLY A 12 2.04 0.65 -5.83
N TRP A 13 2.10 1.86 -5.28
CA TRP A 13 1.85 2.12 -3.86
C TRP A 13 0.38 1.88 -3.53
N VAL A 14 0.09 0.71 -2.95
CA VAL A 14 -1.22 0.30 -2.49
C VAL A 14 -1.26 0.57 -0.99
N CYS A 15 -2.19 1.43 -0.56
CA CYS A 15 -2.35 1.84 0.83
C CYS A 15 -3.49 1.07 1.47
N MET A 16 -3.32 0.73 2.76
CA MET A 16 -4.23 -0.13 3.51
C MET A 16 -4.11 0.17 5.01
C ACE A 1 -7.61 -0.32 7.98
O ACE A 1 -7.67 0.65 8.73
CH3 ACE A 1 -7.82 -0.15 6.48
H1 ACE A 1 -7.77 0.91 6.22
H2 ACE A 1 -7.05 -0.70 5.94
H3 ACE A 1 -8.80 -0.54 6.21
N ASN A 2 -7.34 -1.56 8.41
CA ASN A 2 -7.13 -1.92 9.81
C ASN A 2 -5.91 -1.19 10.37
N LEU A 3 -4.81 -1.21 9.62
CA LEU A 3 -3.55 -0.56 9.95
C LEU A 3 -3.12 0.28 8.74
N PRO A 4 -3.59 1.54 8.63
CA PRO A 4 -3.27 2.43 7.52
C PRO A 4 -1.77 2.57 7.28
N ARG A 5 -1.28 1.97 6.20
CA ARG A 5 0.12 1.97 5.81
C ARG A 5 0.21 1.65 4.32
N CYS A 6 1.16 2.26 3.62
CA CYS A 6 1.40 2.07 2.20
C CYS A 6 2.57 1.11 1.97
N THR A 7 2.47 0.32 0.90
CA THR A 7 3.47 -0.64 0.49
C THR A 7 3.52 -0.73 -1.04
N GLU A 8 4.73 -0.92 -1.59
CA GLU A 8 4.95 -1.03 -3.02
C GLU A 8 4.51 -2.42 -3.47
N GLY A 9 3.40 -2.49 -4.23
CA GLY A 9 2.81 -3.73 -4.73
C GLY A 9 2.76 -3.74 -6.25
N PRO A 10 2.11 -4.77 -6.84
CA PRO A 10 1.98 -4.93 -8.28
C PRO A 10 1.40 -3.70 -8.98
N TRP A 11 0.40 -3.06 -8.35
CA TRP A 11 -0.32 -1.92 -8.90
C TRP A 11 0.21 -0.62 -8.30
N GLY A 12 1.54 -0.50 -8.17
CA GLY A 12 2.18 0.68 -7.62
C GLY A 12 2.10 0.66 -6.09
N TRP A 13 2.26 1.84 -5.48
CA TRP A 13 2.09 2.02 -4.04
C TRP A 13 0.61 1.90 -3.68
N VAL A 14 0.23 0.72 -3.19
CA VAL A 14 -1.12 0.42 -2.69
C VAL A 14 -1.08 0.51 -1.17
N CYS A 15 -2.19 0.96 -0.56
CA CYS A 15 -2.25 1.26 0.87
C CYS A 15 -3.47 0.62 1.51
N MET A 16 -3.34 0.27 2.79
CA MET A 16 -4.40 -0.33 3.59
C MET A 16 -5.51 0.71 3.81
C ACE A 1 -5.46 0.17 8.84
O ACE A 1 -5.57 0.51 7.66
CH3 ACE A 1 -4.64 -1.06 9.21
H1 ACE A 1 -3.83 -0.77 9.86
H2 ACE A 1 -5.28 -1.79 9.71
H3 ACE A 1 -4.23 -1.53 8.30
N ASN A 2 -6.02 0.83 9.85
CA ASN A 2 -6.80 2.05 9.68
C ASN A 2 -5.91 3.19 9.18
N LEU A 3 -4.74 3.33 9.82
CA LEU A 3 -3.70 4.27 9.41
C LEU A 3 -3.17 3.88 8.03
N PRO A 4 -2.69 4.84 7.21
CA PRO A 4 -2.24 4.61 5.85
C PRO A 4 -0.87 3.92 5.82
N ARG A 5 -0.87 2.62 6.14
CA ARG A 5 0.30 1.76 6.00
C ARG A 5 0.47 1.44 4.51
N CYS A 6 1.45 2.08 3.87
CA CYS A 6 1.64 1.98 2.43
C CYS A 6 2.73 0.98 2.10
N THR A 7 2.50 0.21 1.04
CA THR A 7 3.35 -0.87 0.56
C THR A 7 3.43 -0.77 -0.97
N GLU A 8 4.61 -1.06 -1.52
CA GLU A 8 4.83 -1.02 -2.96
C GLU A 8 4.25 -2.29 -3.60
N GLY A 9 2.99 -2.20 -4.06
CA GLY A 9 2.29 -3.31 -4.68
C GLY A 9 2.71 -3.50 -6.14
N PRO A 10 2.17 -4.54 -6.80
CA PRO A 10 2.50 -4.88 -8.17
C PRO A 10 2.01 -3.81 -9.14
N TRP A 11 0.80 -3.28 -8.91
CA TRP A 11 0.21 -2.21 -9.70
C TRP A 11 0.41 -0.87 -8.99
N GLY A 12 1.68 -0.57 -8.64
CA GLY A 12 2.05 0.63 -7.92
C GLY A 12 1.77 0.52 -6.43
N TRP A 13 2.01 1.62 -5.70
CA TRP A 13 1.81 1.67 -4.26
C TRP A 13 0.33 1.54 -3.91
N VAL A 14 0.06 0.81 -2.81
CA VAL A 14 -1.26 0.58 -2.26
C VAL A 14 -1.16 0.69 -0.74
N CYS A 15 -2.15 1.33 -0.10
CA CYS A 15 -2.15 1.62 1.32
C CYS A 15 -3.37 1.02 2.01
N MET A 16 -3.19 0.56 3.25
CA MET A 16 -4.25 -0.03 4.05
C MET A 16 -5.21 1.06 4.55
C ACE A 1 -7.48 1.17 7.33
O ACE A 1 -8.05 1.72 8.27
CH3 ACE A 1 -7.29 1.92 6.01
H1 ACE A 1 -6.22 2.10 5.86
H2 ACE A 1 -7.67 1.31 5.18
H3 ACE A 1 -7.82 2.86 6.04
N ASN A 2 -7.00 -0.08 7.39
CA ASN A 2 -7.03 -0.91 8.58
C ASN A 2 -6.10 -0.31 9.63
N LEU A 3 -4.86 -0.07 9.20
CA LEU A 3 -3.83 0.65 9.92
C LEU A 3 -3.09 1.43 8.84
N PRO A 4 -3.40 2.73 8.63
CA PRO A 4 -2.88 3.57 7.55
C PRO A 4 -1.38 3.37 7.25
N ARG A 5 -1.10 2.64 6.17
CA ARG A 5 0.23 2.30 5.71
C ARG A 5 0.13 1.97 4.22
N CYS A 6 1.26 2.02 3.49
CA CYS A 6 1.30 1.72 2.06
C CYS A 6 2.56 0.93 1.73
N THR A 7 2.47 0.09 0.68
CA THR A 7 3.57 -0.70 0.18
C THR A 7 3.56 -0.71 -1.35
N GLU A 8 4.75 -0.75 -1.96
CA GLU A 8 4.93 -0.75 -3.41
C GLU A 8 4.66 -2.16 -3.94
N GLY A 9 3.36 -2.49 -4.08
CA GLY A 9 2.89 -3.78 -4.57
C GLY A 9 2.76 -3.80 -6.09
N PRO A 10 2.06 -4.81 -6.64
CA PRO A 10 1.82 -4.99 -8.06
C PRO A 10 1.28 -3.73 -8.75
N TRP A 11 0.39 -3.00 -8.08
CA TRP A 11 -0.29 -1.83 -8.62
C TRP A 11 0.38 -0.54 -8.13
N GLY A 12 1.69 -0.58 -7.87
CA GLY A 12 2.42 0.56 -7.33
C GLY A 12 2.18 0.66 -5.84
N TRP A 13 2.33 1.87 -5.29
CA TRP A 13 2.05 2.18 -3.90
C TRP A 13 0.56 1.99 -3.59
N VAL A 14 0.21 0.78 -3.14
CA VAL A 14 -1.13 0.40 -2.74
C VAL A 14 -1.21 0.48 -1.22
N CYS A 15 -2.31 1.07 -0.72
CA CYS A 15 -2.46 1.44 0.68
C CYS A 15 -3.54 0.60 1.37
N MET A 16 -3.35 0.37 2.67
CA MET A 16 -4.21 -0.44 3.52
C MET A 16 -4.10 -0.02 4.99
C ACE A 1 -2.24 -2.44 7.55
O ACE A 1 -1.97 -2.24 8.73
CH3 ACE A 1 -1.12 -2.80 6.58
H1 ACE A 1 -0.19 -2.95 7.12
H2 ACE A 1 -1.38 -3.72 6.04
H3 ACE A 1 -0.98 -1.99 5.85
N ASN A 2 -3.46 -2.37 7.03
CA ASN A 2 -4.69 -2.02 7.75
C ASN A 2 -4.71 -0.55 8.15
N LEU A 3 -3.90 -0.19 9.16
CA LEU A 3 -3.76 1.17 9.65
C LEU A 3 -2.92 2.00 8.65
N PRO A 4 -2.92 3.34 8.72
CA PRO A 4 -2.28 4.25 7.78
C PRO A 4 -0.85 3.85 7.37
N ARG A 5 -0.75 3.10 6.26
CA ARG A 5 0.49 2.55 5.71
C ARG A 5 0.34 2.45 4.20
N CYS A 6 1.45 2.32 3.48
CA CYS A 6 1.47 2.02 2.05
C CYS A 6 2.60 1.03 1.75
N THR A 7 2.32 0.09 0.85
CA THR A 7 3.22 -0.99 0.47
C THR A 7 3.33 -1.03 -1.05
N GLU A 8 4.55 -0.89 -1.57
CA GLU A 8 4.81 -0.96 -3.00
C GLU A 8 4.60 -2.40 -3.48
N GLY A 9 3.68 -2.57 -4.44
CA GLY A 9 3.32 -3.87 -5.02
C GLY A 9 3.10 -3.73 -6.53
N PRO A 10 2.53 -4.77 -7.16
CA PRO A 10 2.27 -4.82 -8.60
C PRO A 10 1.50 -3.60 -9.12
N TRP A 11 0.54 -3.12 -8.33
CA TRP A 11 -0.36 -2.03 -8.70
C TRP A 11 0.10 -0.72 -8.08
N GLY A 12 1.42 -0.48 -8.02
CA GLY A 12 1.98 0.73 -7.46
C GLY A 12 1.98 0.66 -5.93
N TRP A 13 2.00 1.83 -5.29
CA TRP A 13 1.79 1.94 -3.85
C TRP A 13 0.35 1.58 -3.51
N VAL A 14 0.17 0.47 -2.79
CA VAL A 14 -1.13 0.00 -2.33
C VAL A 14 -1.25 0.44 -0.88
N CYS A 15 -2.12 1.42 -0.63
CA CYS A 15 -2.28 2.07 0.66
C CYS A 15 -3.49 1.50 1.41
N MET A 16 -3.34 1.40 2.74
CA MET A 16 -4.32 0.86 3.66
C MET A 16 -4.56 1.90 4.77
#